data_7SIH
#
_entry.id   7SIH
#
_cell.length_a   50.898
_cell.length_b   81.706
_cell.length_c   110.024
_cell.angle_alpha   90.000
_cell.angle_beta   90.000
_cell.angle_gamma   90.000
#
_symmetry.space_group_name_H-M   'P 21 21 21'
#
loop_
_entity.id
_entity.type
_entity.pdbx_description
1 polymer 'MHC class I antigen'
2 polymer Beta-2-microglobulin
3 polymer 'Reverse transcriptase peptide NPDIVIYQY'
4 non-polymer GLYCEROL
5 water water
#
loop_
_entity_poly.entity_id
_entity_poly.type
_entity_poly.pdbx_seq_one_letter_code
_entity_poly.pdbx_strand_id
1 'polypeptide(L)'
;GSHSMRYFYTAMSRPGRGEPRFIAVGYVDDTQFVRFDSDAASPRTEPRAPWIEQEGPEYWDRNTQIFKTNTQTYRESLRN
LRGYYNQSEAGSHIIQRMYGCDLGPDGRLLRGHDQFAYDGKDYIALNEDLSSWTAADTAAQITQRKWEAARVAEQLRAYL
EGLCVEWLRRYLENGKETLQRADPPKTHVTHHPVSDHEATLRCWALGFYPAEITLTWQRDGEDQTQDTELVETRPAGDRT
FQKWAAVVVPSGEEQRYTCHVQHEGLPKPLTLRWEP
;
A
2 'polypeptide(L)'
;IQRTPKIQVYSRHPAENGKSNFLNCYVSGFHPSDIEVDLLKNGERIEKVEHSDLSFSKDWSFYLLYYTEFTPTEKDEYAC
RVNHVTLSQPKIVKWDRDM
;
B
3 'polypeptide(L)' NPDIVIYQY C
#
loop_
_chem_comp.id
_chem_comp.type
_chem_comp.name
_chem_comp.formula
GOL non-polymer GLYCEROL 'C3 H8 O3'
#
# COMPACT_ATOMS: atom_id res chain seq x y z
N GLY A 1 19.55 2.56 -8.30
CA GLY A 1 18.22 2.27 -8.83
C GLY A 1 17.32 3.48 -8.84
N SER A 2 16.08 3.31 -9.33
CA SER A 2 15.10 4.39 -9.35
C SER A 2 14.40 4.48 -8.01
N HIS A 3 14.18 5.70 -7.53
CA HIS A 3 13.58 5.90 -6.21
C HIS A 3 12.48 6.95 -6.26
N SER A 4 11.57 6.87 -5.29
CA SER A 4 10.50 7.83 -5.19
C SER A 4 10.17 8.13 -3.76
N MET A 5 9.57 9.30 -3.52
CA MET A 5 9.05 9.70 -2.23
C MET A 5 7.57 10.00 -2.46
N ARG A 6 6.70 9.55 -1.54
CA ARG A 6 5.27 9.79 -1.69
C ARG A 6 4.68 10.09 -0.35
N TYR A 7 3.70 10.99 -0.31
CA TYR A 7 2.91 11.22 0.88
C TYR A 7 1.47 10.86 0.49
N PHE A 8 0.76 10.19 1.38
CA PHE A 8 -0.59 9.73 1.17
C PHE A 8 -1.43 10.33 2.27
N TYR A 9 -2.40 11.17 1.91
CA TYR A 9 -3.25 11.80 2.94
C TYR A 9 -4.65 11.24 2.78
N THR A 10 -5.34 11.00 3.87
CA THR A 10 -6.73 10.52 3.82
C THR A 10 -7.51 11.34 4.88
N ALA A 11 -8.59 12.05 4.47
CA ALA A 11 -9.46 12.76 5.44
C ALA A 11 -10.83 12.11 5.30
N MET A 12 -11.39 11.64 6.41
CA MET A 12 -12.66 10.96 6.37
C MET A 12 -13.67 11.60 7.31
N SER A 13 -14.81 12.04 6.78
CA SER A 13 -15.86 12.59 7.63
C SER A 13 -16.66 11.43 8.28
N ARG A 14 -17.33 11.73 9.38
CA ARG A 14 -18.06 10.73 10.17
C ARG A 14 -19.13 11.50 10.96
N PRO A 15 -20.16 11.98 10.25
CA PRO A 15 -21.18 12.82 10.92
C PRO A 15 -21.79 12.15 12.13
N GLY A 16 -21.83 12.88 13.24
CA GLY A 16 -22.34 12.36 14.50
C GLY A 16 -21.26 11.73 15.36
N ARG A 17 -20.03 11.59 14.82
CA ARG A 17 -18.93 10.96 15.56
C ARG A 17 -17.69 11.85 15.58
N GLY A 18 -17.92 13.14 15.74
CA GLY A 18 -16.83 14.09 15.79
C GLY A 18 -16.38 14.60 14.42
N GLU A 19 -15.29 15.32 14.44
CA GLU A 19 -14.74 15.93 13.26
C GLU A 19 -13.99 14.93 12.38
N PRO A 20 -13.84 15.21 11.07
CA PRO A 20 -13.14 14.24 10.20
C PRO A 20 -11.73 13.88 10.62
N ARG A 21 -11.40 12.58 10.57
CA ARG A 21 -10.06 12.11 10.89
C ARG A 21 -9.15 12.46 9.70
N PHE A 22 -7.92 12.93 9.98
CA PHE A 22 -6.94 13.19 8.95
C PHE A 22 -5.75 12.28 9.28
N ILE A 23 -5.26 11.53 8.29
CA ILE A 23 -4.09 10.69 8.45
C ILE A 23 -3.14 10.96 7.30
N ALA A 24 -1.85 11.08 7.62
CA ALA A 24 -0.83 11.28 6.59
C ALA A 24 0.24 10.23 6.84
N VAL A 25 0.72 9.59 5.76
CA VAL A 25 1.85 8.66 5.84
C VAL A 25 2.85 9.08 4.75
N GLY A 26 4.13 8.90 5.02
CA GLY A 26 5.17 9.19 4.06
C GLY A 26 5.93 7.93 3.76
N TYR A 27 6.32 7.75 2.49
CA TYR A 27 7.06 6.59 2.04
C TYR A 27 8.23 7.02 1.19
N VAL A 28 9.32 6.23 1.26
CA VAL A 28 10.42 6.33 0.28
C VAL A 28 10.35 4.92 -0.33
N ASP A 29 9.98 4.78 -1.61
CA ASP A 29 9.77 3.48 -2.24
C ASP A 29 8.70 2.69 -1.45
N ASP A 30 8.97 1.44 -1.02
CA ASP A 30 7.98 0.69 -0.26
C ASP A 30 8.21 0.73 1.24
N THR A 31 9.02 1.70 1.73
CA THR A 31 9.30 1.86 3.16
C THR A 31 8.58 3.08 3.72
N GLN A 32 7.66 2.87 4.65
CA GLN A 32 6.99 3.99 5.31
C GLN A 32 7.99 4.59 6.32
N PHE A 33 8.03 5.93 6.44
CA PHE A 33 8.99 6.53 7.37
C PHE A 33 8.35 7.48 8.35
N VAL A 34 7.12 8.00 8.09
CA VAL A 34 6.42 8.92 9.00
C VAL A 34 4.92 8.63 8.97
N ARG A 35 4.25 8.94 10.07
CA ARG A 35 2.80 8.91 10.17
C ARG A 35 2.36 10.11 11.02
N PHE A 36 1.15 10.56 10.75
CA PHE A 36 0.46 11.55 11.54
C PHE A 36 -0.99 11.10 11.57
N ASP A 37 -1.61 11.08 12.76
CA ASP A 37 -3.00 10.74 12.87
C ASP A 37 -3.70 11.72 13.85
N SER A 38 -4.66 12.50 13.34
CA SER A 38 -5.42 13.44 14.19
C SER A 38 -6.23 12.71 15.28
N ASP A 39 -6.44 11.39 15.14
CA ASP A 39 -7.14 10.60 16.15
C ASP A 39 -6.20 10.04 17.25
N ALA A 40 -4.87 10.25 17.12
CA ALA A 40 -3.95 9.79 18.17
C ALA A 40 -4.24 10.61 19.46
N ALA A 41 -4.00 10.03 20.65
CA ALA A 41 -4.25 10.76 21.92
C ALA A 41 -3.53 12.14 21.93
N SER A 42 -2.31 12.18 21.39
CA SER A 42 -1.54 13.40 21.29
C SER A 42 -1.01 13.47 19.86
N PRO A 43 -1.80 14.01 18.91
CA PRO A 43 -1.36 14.01 17.51
C PRO A 43 -0.02 14.64 17.28
N ARG A 44 0.87 13.87 16.66
CA ARG A 44 2.19 14.34 16.28
C ARG A 44 2.77 13.45 15.16
N THR A 45 3.72 14.00 14.43
CA THR A 45 4.42 13.26 13.39
C THR A 45 5.34 12.28 14.07
N GLU A 46 5.16 11.00 13.79
CA GLU A 46 5.93 9.95 14.42
C GLU A 46 6.81 9.23 13.44
N PRO A 47 8.04 8.86 13.87
CA PRO A 47 8.94 8.12 12.97
C PRO A 47 8.47 6.68 12.81
N ARG A 48 8.60 6.13 11.62
CA ARG A 48 8.21 4.75 11.30
C ARG A 48 9.36 3.94 10.64
N ALA A 49 10.54 4.52 10.48
CA ALA A 49 11.73 3.89 9.94
C ALA A 49 12.94 4.41 10.75
N PRO A 50 13.92 3.56 11.09
CA PRO A 50 15.00 4.02 11.99
C PRO A 50 15.85 5.16 11.47
N TRP A 51 16.06 5.23 10.15
CA TRP A 51 16.88 6.28 9.55
C TRP A 51 16.28 7.67 9.64
N ILE A 52 14.95 7.80 9.87
CA ILE A 52 14.34 9.14 10.00
C ILE A 52 14.51 9.69 11.44
N GLU A 53 14.74 8.82 12.42
CA GLU A 53 14.90 9.22 13.82
C GLU A 53 15.99 10.27 14.04
N GLN A 54 17.05 10.26 13.20
CA GLN A 54 18.15 11.22 13.30
C GLN A 54 17.76 12.67 12.97
N GLU A 55 16.53 12.89 12.45
CA GLU A 55 16.07 14.24 12.19
C GLU A 55 15.86 14.95 13.52
N GLY A 56 16.20 16.22 13.56
CA GLY A 56 16.15 16.99 14.79
C GLY A 56 14.78 17.48 15.19
N PRO A 57 14.71 18.12 16.38
CA PRO A 57 13.44 18.63 16.90
C PRO A 57 12.65 19.53 15.95
N GLU A 58 13.33 20.42 15.23
CA GLU A 58 12.66 21.32 14.30
C GLU A 58 11.94 20.55 13.19
N TYR A 59 12.48 19.39 12.78
CA TYR A 59 11.85 18.55 11.77
C TYR A 59 10.49 18.05 12.29
N TRP A 60 10.45 17.45 13.49
CA TRP A 60 9.23 16.89 14.05
C TRP A 60 8.22 17.97 14.39
N ASP A 61 8.69 19.13 14.87
CA ASP A 61 7.79 20.25 15.14
C ASP A 61 7.22 20.83 13.86
N ARG A 62 8.04 21.00 12.84
CA ARG A 62 7.59 21.55 11.56
C ARG A 62 6.59 20.63 10.88
N ASN A 63 6.88 19.31 10.84
CA ASN A 63 5.98 18.34 10.20
C ASN A 63 4.66 18.30 10.93
N THR A 64 4.68 18.35 12.26
CA THR A 64 3.46 18.32 13.05
C THR A 64 2.60 19.54 12.76
N GLN A 65 3.22 20.73 12.70
CA GLN A 65 2.52 21.98 12.38
C GLN A 65 1.83 21.87 11.01
N ILE A 66 2.54 21.30 10.01
CA ILE A 66 1.98 21.16 8.68
C ILE A 66 0.78 20.23 8.69
N PHE A 67 0.91 19.05 9.30
CA PHE A 67 -0.17 18.08 9.36
C PHE A 67 -1.35 18.55 10.17
N LYS A 68 -1.10 19.36 11.22
CA LYS A 68 -2.19 19.93 12.02
C LYS A 68 -2.93 20.98 11.18
N THR A 69 -2.21 21.79 10.39
CA THR A 69 -2.83 22.76 9.49
C THR A 69 -3.65 22.02 8.43
N ASN A 70 -3.08 20.92 7.88
CA ASN A 70 -3.75 20.09 6.89
C ASN A 70 -5.00 19.48 7.46
N THR A 71 -4.99 19.06 8.74
CA THR A 71 -6.21 18.52 9.39
C THR A 71 -7.39 19.50 9.29
N GLN A 72 -7.12 20.79 9.57
CA GLN A 72 -8.16 21.82 9.49
C GLN A 72 -8.56 22.12 8.03
N THR A 73 -7.58 22.21 7.12
CA THR A 73 -7.85 22.50 5.72
C THR A 73 -8.72 21.43 5.07
N TYR A 74 -8.43 20.14 5.36
CA TYR A 74 -9.16 19.02 4.78
C TYR A 74 -10.59 18.91 5.30
N ARG A 75 -10.83 19.33 6.54
CA ARG A 75 -12.20 19.36 7.08
C ARG A 75 -13.02 20.43 6.33
N GLU A 76 -12.39 21.52 5.93
CA GLU A 76 -13.02 22.56 5.13
C GLU A 76 -13.28 22.02 3.72
N SER A 77 -12.31 21.29 3.15
CA SER A 77 -12.46 20.70 1.83
C SER A 77 -13.60 19.71 1.81
N LEU A 78 -13.76 18.90 2.86
CA LEU A 78 -14.89 17.95 2.93
C LEU A 78 -16.22 18.71 2.94
N ARG A 79 -16.30 19.81 3.67
CA ARG A 79 -17.52 20.63 3.69
C ARG A 79 -17.80 21.19 2.31
N ASN A 80 -16.74 21.67 1.61
CA ASN A 80 -16.89 22.25 0.28
C ASN A 80 -17.37 21.22 -0.70
N LEU A 81 -16.78 20.02 -0.66
CA LEU A 81 -17.13 18.97 -1.60
C LEU A 81 -18.50 18.41 -1.36
N ARG A 82 -18.98 18.39 -0.10
CA ARG A 82 -20.36 17.96 0.18
C ARG A 82 -21.33 18.92 -0.58
N GLY A 83 -21.03 20.22 -0.54
CA GLY A 83 -21.81 21.22 -1.25
C GLY A 83 -21.66 21.17 -2.77
N TYR A 84 -20.45 20.89 -3.29
CA TYR A 84 -20.27 20.80 -4.76
C TYR A 84 -21.07 19.66 -5.38
N TYR A 85 -21.34 18.64 -4.60
CA TYR A 85 -22.09 17.49 -5.08
C TYR A 85 -23.52 17.44 -4.56
N ASN A 86 -23.99 18.51 -3.91
CA ASN A 86 -25.36 18.60 -3.37
C ASN A 86 -25.67 17.43 -2.44
N GLN A 87 -24.66 16.97 -1.69
CA GLN A 87 -24.82 15.84 -0.80
C GLN A 87 -25.40 16.27 0.55
N SER A 88 -26.12 15.37 1.21
CA SER A 88 -26.69 15.66 2.52
C SER A 88 -25.58 15.64 3.58
N GLU A 89 -25.82 16.27 4.73
CA GLU A 89 -24.86 16.28 5.82
C GLU A 89 -24.78 14.92 6.57
N ALA A 90 -25.61 13.94 6.19
CA ALA A 90 -25.69 12.62 6.82
C ALA A 90 -24.60 11.62 6.48
N GLY A 91 -24.13 11.62 5.23
CA GLY A 91 -23.17 10.62 4.80
C GLY A 91 -21.73 10.86 5.16
N SER A 92 -20.93 9.81 5.12
N SER A 92 -20.94 9.80 5.12
CA SER A 92 -19.51 9.88 5.40
CA SER A 92 -19.52 9.85 5.39
C SER A 92 -18.78 9.93 4.06
C SER A 92 -18.82 9.97 4.03
N HIS A 93 -17.82 10.86 3.92
CA HIS A 93 -17.09 11.04 2.68
C HIS A 93 -15.59 11.04 2.90
N ILE A 94 -14.82 10.75 1.85
CA ILE A 94 -13.37 10.64 1.98
C ILE A 94 -12.68 11.48 0.91
N ILE A 95 -11.67 12.22 1.28
CA ILE A 95 -10.80 12.91 0.34
C ILE A 95 -9.43 12.24 0.53
N GLN A 96 -8.74 11.96 -0.57
CA GLN A 96 -7.41 11.41 -0.54
C GLN A 96 -6.51 12.23 -1.42
N ARG A 97 -5.28 12.35 -1.00
CA ARG A 97 -4.26 13.03 -1.77
C ARG A 97 -3.03 12.15 -1.84
N MET A 98 -2.42 12.06 -3.00
N MET A 98 -2.40 12.09 -3.03
CA MET A 98 -1.12 11.42 -3.15
CA MET A 98 -1.19 11.32 -3.33
C MET A 98 -0.26 12.47 -3.85
C MET A 98 -0.20 12.29 -4.03
N TYR A 99 0.99 12.58 -3.44
CA TYR A 99 1.95 13.48 -4.09
C TYR A 99 3.35 13.05 -3.81
N GLY A 100 4.27 13.46 -4.68
CA GLY A 100 5.67 13.15 -4.45
C GLY A 100 6.49 13.25 -5.71
N CYS A 101 7.71 12.76 -5.63
CA CYS A 101 8.64 12.87 -6.72
C CYS A 101 9.32 11.54 -7.02
N ASP A 102 9.60 11.32 -8.31
CA ASP A 102 10.29 10.14 -8.81
C ASP A 102 11.66 10.57 -9.31
N LEU A 103 12.72 9.86 -8.90
CA LEU A 103 14.07 10.09 -9.37
C LEU A 103 14.47 8.90 -10.24
N GLY A 104 15.31 9.17 -11.22
CA GLY A 104 15.87 8.10 -12.04
C GLY A 104 17.13 7.53 -11.40
N PRO A 105 17.75 6.52 -12.04
CA PRO A 105 18.96 5.91 -11.45
C PRO A 105 20.15 6.87 -11.24
N ASP A 106 20.11 8.06 -11.83
CA ASP A 106 21.15 9.06 -11.64
C ASP A 106 20.84 10.08 -10.52
N GLY A 107 19.68 9.95 -9.87
CA GLY A 107 19.26 10.89 -8.85
C GLY A 107 18.61 12.15 -9.39
N ARG A 108 18.29 12.16 -10.69
CA ARG A 108 17.66 13.31 -11.33
C ARG A 108 16.13 13.16 -11.33
N LEU A 109 15.40 14.26 -11.23
CA LEU A 109 13.94 14.24 -11.26
C LEU A 109 13.41 13.65 -12.56
N LEU A 110 12.64 12.59 -12.43
CA LEU A 110 11.99 11.90 -13.53
C LEU A 110 10.66 12.61 -13.76
N ARG A 111 9.86 12.77 -12.70
CA ARG A 111 8.57 13.45 -12.72
C ARG A 111 8.01 13.67 -11.31
N GLY A 112 7.06 14.61 -11.21
CA GLY A 112 6.34 14.91 -9.98
C GLY A 112 4.91 14.43 -10.05
N HIS A 113 4.27 14.31 -8.90
CA HIS A 113 2.88 13.87 -8.82
C HIS A 113 2.14 14.67 -7.80
N ASP A 114 0.87 14.96 -8.07
CA ASP A 114 0.00 15.64 -7.13
C ASP A 114 -1.44 15.39 -7.56
N GLN A 115 -2.10 14.41 -6.92
CA GLN A 115 -3.48 14.12 -7.33
C GLN A 115 -4.38 13.81 -6.17
N PHE A 116 -5.66 13.99 -6.43
CA PHE A 116 -6.69 13.88 -5.43
C PHE A 116 -7.83 13.07 -5.91
N ALA A 117 -8.52 12.47 -4.95
CA ALA A 117 -9.70 11.69 -5.17
C ALA A 117 -10.78 12.08 -4.13
N TYR A 118 -12.04 11.91 -4.49
CA TYR A 118 -13.19 12.13 -3.62
C TYR A 118 -14.02 10.88 -3.67
N ASP A 119 -14.22 10.25 -2.51
CA ASP A 119 -14.92 8.98 -2.39
C ASP A 119 -14.33 7.87 -3.31
N GLY A 120 -13.02 7.84 -3.43
CA GLY A 120 -12.30 6.81 -4.20
C GLY A 120 -12.30 7.00 -5.71
N LYS A 121 -12.82 8.11 -6.16
CA LYS A 121 -12.91 8.45 -7.57
C LYS A 121 -11.99 9.63 -7.84
N ASP A 122 -11.23 9.60 -8.96
CA ASP A 122 -10.34 10.69 -9.35
C ASP A 122 -11.07 12.03 -9.39
N TYR A 123 -10.51 13.05 -8.75
CA TYR A 123 -11.20 14.33 -8.62
C TYR A 123 -10.44 15.40 -9.40
N ILE A 124 -9.17 15.56 -9.09
CA ILE A 124 -8.32 16.54 -9.75
C ILE A 124 -6.88 16.06 -9.69
N ALA A 125 -6.11 16.35 -10.73
CA ALA A 125 -4.71 15.95 -10.74
C ALA A 125 -3.89 17.02 -11.41
N LEU A 126 -2.69 17.24 -10.91
CA LEU A 126 -1.74 18.14 -11.51
C LEU A 126 -1.13 17.33 -12.69
N ASN A 127 -1.16 17.90 -13.91
CA ASN A 127 -0.57 17.24 -15.06
C ASN A 127 0.97 17.11 -14.93
N GLU A 128 1.58 16.23 -15.72
CA GLU A 128 3.02 15.98 -15.69
C GLU A 128 3.86 17.26 -15.92
N ASP A 129 3.29 18.23 -16.62
CA ASP A 129 3.97 19.52 -16.85
C ASP A 129 4.16 20.34 -15.57
N LEU A 130 3.48 19.94 -14.45
CA LEU A 130 3.48 20.62 -13.16
C LEU A 130 2.97 22.06 -13.28
N SER A 131 2.12 22.35 -14.28
CA SER A 131 1.62 23.70 -14.50
CA SER A 131 1.62 23.71 -14.49
C SER A 131 0.12 23.76 -14.79
N SER A 132 -0.47 22.68 -15.29
CA SER A 132 -1.88 22.65 -15.61
C SER A 132 -2.61 21.52 -14.84
N TRP A 133 -3.93 21.55 -14.81
CA TRP A 133 -4.73 20.60 -14.05
C TRP A 133 -5.68 19.84 -14.94
N THR A 134 -6.10 18.66 -14.47
CA THR A 134 -7.11 17.86 -15.16
C THR A 134 -8.18 17.66 -14.11
N ALA A 135 -9.36 18.24 -14.33
CA ALA A 135 -10.51 18.12 -13.39
C ALA A 135 -11.47 17.05 -13.94
N ALA A 136 -11.96 16.14 -13.08
CA ALA A 136 -12.82 15.05 -13.55
C ALA A 136 -14.23 15.46 -13.87
N ASP A 137 -14.71 16.54 -13.25
CA ASP A 137 -16.10 16.95 -13.40
C ASP A 137 -16.28 18.42 -13.11
N THR A 138 -17.53 18.92 -13.20
CA THR A 138 -17.82 20.32 -12.95
C THR A 138 -17.56 20.73 -11.50
N ALA A 139 -17.61 19.76 -10.55
CA ALA A 139 -17.29 20.09 -9.17
C ALA A 139 -15.77 20.37 -9.09
N ALA A 140 -14.93 19.50 -9.67
CA ALA A 140 -13.49 19.68 -9.67
C ALA A 140 -13.04 20.94 -10.42
N GLN A 141 -13.86 21.41 -11.37
CA GLN A 141 -13.56 22.64 -12.10
C GLN A 141 -13.64 23.85 -11.17
N ILE A 142 -14.46 23.80 -10.09
CA ILE A 142 -14.54 24.87 -9.10
C ILE A 142 -13.21 24.93 -8.34
N THR A 143 -12.71 23.76 -7.92
CA THR A 143 -11.42 23.63 -7.25
C THR A 143 -10.32 24.09 -8.19
N GLN A 144 -10.39 23.71 -9.46
CA GLN A 144 -9.37 24.08 -10.45
C GLN A 144 -9.31 25.59 -10.60
N ARG A 145 -10.48 26.26 -10.69
CA ARG A 145 -10.50 27.72 -10.81
C ARG A 145 -9.92 28.37 -9.58
N LYS A 146 -10.22 27.84 -8.37
CA LYS A 146 -9.67 28.38 -7.13
C LYS A 146 -8.15 28.20 -7.08
N TRP A 147 -7.67 27.03 -7.53
CA TRP A 147 -6.24 26.77 -7.50
C TRP A 147 -5.51 27.51 -8.59
N GLU A 148 -6.16 27.75 -9.73
CA GLU A 148 -5.56 28.54 -10.80
C GLU A 148 -5.43 29.98 -10.33
N ALA A 149 -6.42 30.51 -9.59
CA ALA A 149 -6.38 31.87 -9.04
C ALA A 149 -5.33 32.06 -7.94
N ALA A 150 -5.03 31.00 -7.21
CA ALA A 150 -4.05 31.06 -6.13
C ALA A 150 -2.65 30.58 -6.54
N ARG A 151 -2.42 30.27 -7.82
CA ARG A 151 -1.10 29.84 -8.31
C ARG A 151 -0.57 28.63 -7.54
N VAL A 152 -1.46 27.67 -7.29
CA VAL A 152 -1.10 26.47 -6.54
C VAL A 152 -0.13 25.63 -7.32
N ALA A 153 -0.37 25.47 -8.66
CA ALA A 153 0.50 24.65 -9.50
C ALA A 153 1.94 25.13 -9.46
N GLU A 154 2.15 26.46 -9.37
CA GLU A 154 3.49 27.05 -9.32
C GLU A 154 4.19 26.73 -8.04
N GLN A 155 3.46 26.72 -6.92
CA GLN A 155 4.03 26.38 -5.64
C GLN A 155 4.40 24.87 -5.60
N LEU A 156 3.53 24.02 -6.16
CA LEU A 156 3.78 22.58 -6.20
C LEU A 156 4.95 22.26 -7.06
N ARG A 157 5.10 22.95 -8.22
CA ARG A 157 6.24 22.73 -9.11
C ARG A 157 7.56 23.03 -8.35
N ALA A 158 7.57 24.16 -7.62
CA ALA A 158 8.74 24.57 -6.84
C ALA A 158 9.11 23.50 -5.81
N TYR A 159 8.10 22.94 -5.12
CA TYR A 159 8.31 21.89 -4.14
C TYR A 159 8.80 20.59 -4.79
N LEU A 160 8.12 20.12 -5.84
CA LEU A 160 8.40 18.84 -6.49
C LEU A 160 9.78 18.82 -7.12
N GLU A 161 10.22 19.93 -7.73
CA GLU A 161 11.54 20.00 -8.34
C GLU A 161 12.65 20.35 -7.35
N GLY A 162 12.29 20.95 -6.22
CA GLY A 162 13.22 21.39 -5.19
C GLY A 162 13.24 20.55 -3.93
N LEU A 163 12.50 20.99 -2.89
CA LEU A 163 12.48 20.33 -1.58
C LEU A 163 12.16 18.82 -1.61
N CYS A 164 11.19 18.40 -2.47
CA CYS A 164 10.83 16.97 -2.59
C CYS A 164 12.05 16.14 -2.97
N VAL A 165 12.77 16.57 -4.03
CA VAL A 165 13.95 15.91 -4.52
C VAL A 165 15.10 15.98 -3.49
N GLU A 166 15.34 17.14 -2.86
CA GLU A 166 16.42 17.29 -1.87
C GLU A 166 16.20 16.41 -0.64
N TRP A 167 14.96 16.37 -0.12
CA TRP A 167 14.66 15.54 1.04
C TRP A 167 14.74 14.08 0.69
N LEU A 168 14.27 13.70 -0.50
CA LEU A 168 14.36 12.31 -0.94
C LEU A 168 15.81 11.86 -1.03
N ARG A 169 16.68 12.69 -1.62
N ARG A 169 16.68 12.68 -1.61
CA ARG A 169 18.11 12.36 -1.73
CA ARG A 169 18.10 12.33 -1.73
C ARG A 169 18.73 12.20 -0.35
C ARG A 169 18.77 12.25 -0.36
N ARG A 170 18.33 13.05 0.60
CA ARG A 170 18.86 13.00 1.98
C ARG A 170 18.43 11.68 2.65
N TYR A 171 17.16 11.30 2.51
CA TYR A 171 16.64 10.07 3.08
C TYR A 171 17.32 8.88 2.47
N LEU A 172 17.54 8.91 1.15
CA LEU A 172 18.24 7.81 0.48
C LEU A 172 19.66 7.60 1.02
N GLU A 173 20.35 8.69 1.35
CA GLU A 173 21.70 8.62 1.92
C GLU A 173 21.64 8.15 3.38
N ASN A 174 20.75 8.74 4.18
CA ASN A 174 20.61 8.35 5.59
C ASN A 174 20.22 6.91 5.78
N GLY A 175 19.37 6.40 4.89
CA GLY A 175 18.98 5.00 4.97
C GLY A 175 19.57 4.15 3.87
N LYS A 176 20.76 4.49 3.35
CA LYS A 176 21.35 3.77 2.21
C LYS A 176 21.52 2.26 2.43
N GLU A 177 21.75 1.79 3.68
CA GLU A 177 21.91 0.32 3.91
C GLU A 177 20.67 -0.48 3.63
N THR A 178 19.48 0.16 3.71
CA THR A 178 18.22 -0.52 3.50
C THR A 178 17.53 0.03 2.24
N LEU A 179 17.35 1.35 2.15
CA LEU A 179 16.68 1.97 1.03
C LEU A 179 17.33 1.67 -0.29
N GLN A 180 18.67 1.60 -0.30
CA GLN A 180 19.40 1.31 -1.54
C GLN A 180 19.91 -0.12 -1.59
N ARG A 181 19.28 -1.04 -0.83
CA ARG A 181 19.66 -2.45 -0.86
C ARG A 181 18.46 -3.19 -1.42
N ALA A 182 18.61 -3.86 -2.56
CA ALA A 182 17.53 -4.67 -3.13
C ALA A 182 17.78 -6.12 -2.63
N ASP A 183 16.79 -6.72 -1.98
CA ASP A 183 16.87 -8.09 -1.47
C ASP A 183 16.17 -8.98 -2.46
N PRO A 184 16.93 -9.89 -3.09
CA PRO A 184 16.31 -10.76 -4.10
C PRO A 184 15.30 -11.73 -3.51
N PRO A 185 14.33 -12.16 -4.33
CA PRO A 185 13.38 -13.16 -3.83
C PRO A 185 14.07 -14.50 -3.57
N LYS A 186 13.62 -15.20 -2.55
CA LYS A 186 14.03 -16.57 -2.27
C LYS A 186 12.93 -17.33 -3.02
N THR A 187 13.28 -18.09 -4.05
CA THR A 187 12.28 -18.75 -4.89
C THR A 187 12.29 -20.28 -4.84
N HIS A 188 11.08 -20.88 -4.91
CA HIS A 188 10.90 -22.35 -4.95
C HIS A 188 9.56 -22.72 -5.58
N VAL A 189 9.45 -23.98 -6.07
CA VAL A 189 8.23 -24.47 -6.70
C VAL A 189 7.67 -25.60 -5.86
N THR A 190 6.39 -25.49 -5.52
CA THR A 190 5.70 -26.52 -4.75
C THR A 190 4.70 -27.24 -5.66
N HIS A 191 4.39 -28.49 -5.33
CA HIS A 191 3.50 -29.32 -6.15
C HIS A 191 2.39 -29.83 -5.23
N HIS A 192 1.13 -29.61 -5.62
CA HIS A 192 -0.01 -30.02 -4.82
C HIS A 192 -1.03 -30.76 -5.69
N PRO A 193 -1.08 -32.11 -5.66
CA PRO A 193 -2.11 -32.81 -6.47
C PRO A 193 -3.54 -32.33 -6.18
N VAL A 194 -4.28 -32.02 -7.22
CA VAL A 194 -5.69 -31.57 -7.09
C VAL A 194 -6.63 -32.76 -7.23
N SER A 195 -6.23 -33.73 -8.05
CA SER A 195 -6.97 -34.92 -8.34
C SER A 195 -5.98 -35.94 -8.98
N ASP A 196 -6.48 -37.10 -9.43
CA ASP A 196 -5.62 -38.05 -10.14
C ASP A 196 -5.09 -37.44 -11.45
N HIS A 197 -5.85 -36.53 -12.05
CA HIS A 197 -5.61 -35.98 -13.38
C HIS A 197 -4.81 -34.69 -13.41
N GLU A 198 -4.80 -33.94 -12.31
CA GLU A 198 -4.16 -32.63 -12.28
C GLU A 198 -3.45 -32.37 -10.96
N ALA A 199 -2.48 -31.46 -11.01
CA ALA A 199 -1.74 -30.97 -9.85
C ALA A 199 -1.52 -29.46 -9.99
N THR A 200 -1.41 -28.75 -8.87
CA THR A 200 -1.11 -27.33 -8.90
C THR A 200 0.40 -27.16 -8.72
N LEU A 201 1.01 -26.37 -9.57
CA LEU A 201 2.42 -26.02 -9.43
C LEU A 201 2.40 -24.57 -8.89
N ARG A 202 3.03 -24.29 -7.76
CA ARG A 202 3.03 -22.96 -7.19
C ARG A 202 4.43 -22.42 -7.10
N CYS A 203 4.68 -21.33 -7.79
CA CYS A 203 5.97 -20.70 -7.79
C CYS A 203 5.99 -19.58 -6.75
N TRP A 204 6.86 -19.71 -5.75
CA TRP A 204 6.96 -18.78 -4.65
C TRP A 204 8.13 -17.83 -4.79
N ALA A 205 7.93 -16.58 -4.35
CA ALA A 205 8.97 -15.55 -4.26
C ALA A 205 8.77 -14.96 -2.86
N LEU A 206 9.75 -15.11 -1.97
CA LEU A 206 9.68 -14.69 -0.57
C LEU A 206 10.87 -13.84 -0.20
N GLY A 207 10.71 -12.97 0.78
CA GLY A 207 11.81 -12.17 1.29
C GLY A 207 12.40 -11.09 0.40
N PHE A 208 11.65 -10.61 -0.61
CA PHE A 208 12.20 -9.62 -1.53
C PHE A 208 11.86 -8.16 -1.19
N TYR A 209 12.73 -7.25 -1.59
CA TYR A 209 12.52 -5.81 -1.43
C TYR A 209 13.26 -5.17 -2.60
N PRO A 210 12.68 -4.21 -3.34
CA PRO A 210 11.34 -3.64 -3.19
C PRO A 210 10.21 -4.58 -3.68
N ALA A 211 8.96 -4.13 -3.59
CA ALA A 211 7.76 -4.92 -3.89
C ALA A 211 7.62 -5.28 -5.36
N GLU A 212 8.16 -4.44 -6.25
CA GLU A 212 8.05 -4.69 -7.67
C GLU A 212 8.78 -5.99 -8.06
N ILE A 213 8.03 -6.89 -8.68
CA ILE A 213 8.51 -8.17 -9.14
C ILE A 213 7.64 -8.63 -10.30
N THR A 214 8.18 -9.53 -11.11
CA THR A 214 7.46 -10.18 -12.18
C THR A 214 7.60 -11.67 -11.94
N LEU A 215 6.46 -12.37 -11.89
CA LEU A 215 6.40 -13.80 -11.62
C LEU A 215 5.39 -14.38 -12.63
N THR A 216 5.85 -15.24 -13.55
CA THR A 216 4.95 -15.82 -14.55
C THR A 216 5.24 -17.30 -14.75
N TRP A 217 4.26 -18.02 -15.28
CA TRP A 217 4.44 -19.42 -15.65
C TRP A 217 4.39 -19.47 -17.17
N GLN A 218 5.24 -20.29 -17.73
CA GLN A 218 5.22 -20.57 -19.16
C GLN A 218 5.02 -22.08 -19.35
N ARG A 219 4.33 -22.48 -20.40
CA ARG A 219 4.12 -23.88 -20.74
C ARG A 219 4.67 -24.00 -22.15
N ASP A 220 5.74 -24.78 -22.32
CA ASP A 220 6.47 -24.92 -23.58
C ASP A 220 6.95 -23.55 -24.07
N GLY A 221 7.46 -22.73 -23.15
CA GLY A 221 7.95 -21.40 -23.48
C GLY A 221 6.88 -20.40 -23.87
N GLU A 222 5.60 -20.70 -23.61
CA GLU A 222 4.49 -19.78 -23.91
C GLU A 222 3.83 -19.29 -22.62
N ASP A 223 3.65 -17.96 -22.46
CA ASP A 223 3.01 -17.37 -21.30
C ASP A 223 1.61 -17.91 -21.04
N GLN A 224 1.34 -18.23 -19.78
CA GLN A 224 0.09 -18.80 -19.32
C GLN A 224 -0.69 -17.75 -18.55
N THR A 225 -0.76 -16.52 -19.08
CA THR A 225 -1.44 -15.42 -18.38
C THR A 225 -2.86 -15.74 -17.96
N GLN A 226 -3.70 -16.23 -18.88
CA GLN A 226 -5.09 -16.53 -18.55
C GLN A 226 -5.25 -17.72 -17.59
N ASP A 227 -4.28 -18.66 -17.56
CA ASP A 227 -4.40 -19.83 -16.68
C ASP A 227 -3.63 -19.70 -15.35
N THR A 228 -2.95 -18.58 -15.12
CA THR A 228 -2.19 -18.41 -13.89
C THR A 228 -2.99 -17.66 -12.85
N GLU A 229 -2.98 -18.19 -11.62
CA GLU A 229 -3.60 -17.49 -10.51
C GLU A 229 -2.43 -16.77 -9.83
N LEU A 230 -2.43 -15.45 -9.93
CA LEU A 230 -1.35 -14.63 -9.44
C LEU A 230 -1.84 -13.86 -8.24
N VAL A 231 -1.35 -14.16 -7.03
CA VAL A 231 -1.81 -13.39 -5.85
C VAL A 231 -1.16 -12.02 -5.85
N GLU A 232 -1.82 -11.05 -5.19
CA GLU A 232 -1.26 -9.72 -5.05
C GLU A 232 -0.02 -9.80 -4.16
N THR A 233 1.01 -9.02 -4.47
CA THR A 233 2.23 -8.94 -3.65
C THR A 233 1.83 -8.44 -2.26
N ARG A 234 2.30 -9.12 -1.23
CA ARG A 234 1.86 -8.90 0.13
C ARG A 234 3.04 -8.69 1.06
N PRO A 235 2.88 -7.82 2.07
CA PRO A 235 3.99 -7.56 2.98
C PRO A 235 4.17 -8.69 4.00
N ALA A 236 5.43 -9.08 4.23
CA ALA A 236 5.75 -10.09 5.24
C ALA A 236 5.72 -9.50 6.67
N GLY A 237 5.94 -8.20 6.81
CA GLY A 237 5.95 -7.52 8.10
C GLY A 237 7.32 -7.14 8.63
N ASP A 238 8.39 -7.58 7.95
CA ASP A 238 9.80 -7.33 8.27
C ASP A 238 10.48 -6.47 7.17
N ARG A 239 9.68 -5.65 6.44
CA ARG A 239 10.08 -4.83 5.28
C ARG A 239 9.94 -5.61 3.96
N THR A 240 10.03 -6.95 3.99
CA THR A 240 10.03 -7.73 2.73
C THR A 240 8.64 -8.06 2.23
N PHE A 241 8.56 -8.51 0.97
CA PHE A 241 7.31 -8.86 0.34
C PHE A 241 7.34 -10.30 -0.14
N GLN A 242 6.14 -10.81 -0.43
CA GLN A 242 5.90 -12.17 -0.87
C GLN A 242 4.93 -12.17 -2.03
N LYS A 243 5.04 -13.19 -2.87
CA LYS A 243 4.14 -13.37 -4.00
C LYS A 243 4.23 -14.80 -4.50
N TRP A 244 3.13 -15.28 -5.08
CA TRP A 244 3.13 -16.58 -5.71
C TRP A 244 2.24 -16.56 -6.93
N ALA A 245 2.53 -17.46 -7.87
CA ALA A 245 1.80 -17.67 -9.12
C ALA A 245 1.55 -19.18 -9.19
N ALA A 246 0.32 -19.59 -9.43
CA ALA A 246 -0.03 -21.00 -9.48
C ALA A 246 -0.71 -21.37 -10.82
N VAL A 247 -0.36 -22.53 -11.33
CA VAL A 247 -0.94 -23.05 -12.55
C VAL A 247 -1.39 -24.52 -12.28
N VAL A 248 -2.56 -24.92 -12.82
CA VAL A 248 -3.05 -26.30 -12.63
C VAL A 248 -2.66 -27.03 -13.90
N VAL A 249 -1.86 -28.05 -13.75
CA VAL A 249 -1.26 -28.75 -14.85
C VAL A 249 -1.72 -30.21 -14.89
N PRO A 250 -1.77 -30.80 -16.10
CA PRO A 250 -2.11 -32.24 -16.19
C PRO A 250 -1.00 -33.10 -15.57
N SER A 251 -1.36 -34.19 -14.86
CA SER A 251 -0.37 -35.07 -14.23
C SER A 251 0.58 -35.65 -15.25
N GLY A 252 1.87 -35.63 -14.94
CA GLY A 252 2.88 -36.10 -15.86
C GLY A 252 3.49 -35.02 -16.73
N GLU A 253 2.78 -33.88 -16.89
CA GLU A 253 3.25 -32.79 -17.73
C GLU A 253 3.99 -31.67 -16.99
N GLU A 254 4.35 -31.89 -15.71
CA GLU A 254 5.00 -30.85 -14.91
C GLU A 254 6.28 -30.25 -15.49
N GLN A 255 7.07 -31.04 -16.22
CA GLN A 255 8.35 -30.54 -16.75
C GLN A 255 8.20 -29.62 -17.95
N ARG A 256 7.01 -29.48 -18.49
CA ARG A 256 6.75 -28.53 -19.56
C ARG A 256 6.59 -27.08 -19.04
N TYR A 257 6.45 -26.91 -17.72
CA TYR A 257 6.22 -25.64 -17.11
C TYR A 257 7.46 -25.05 -16.48
N THR A 258 7.64 -23.75 -16.67
CA THR A 258 8.76 -23.03 -16.07
C THR A 258 8.26 -21.75 -15.47
N CYS A 259 8.78 -21.44 -14.30
CA CYS A 259 8.44 -20.21 -13.62
C CYS A 259 9.54 -19.19 -13.87
N HIS A 260 9.13 -17.96 -14.18
CA HIS A 260 10.08 -16.90 -14.55
C HIS A 260 9.98 -15.77 -13.53
N VAL A 261 11.13 -15.36 -12.99
CA VAL A 261 11.20 -14.35 -11.94
C VAL A 261 12.08 -13.17 -12.34
N GLN A 262 11.51 -11.96 -12.34
CA GLN A 262 12.28 -10.75 -12.57
C GLN A 262 12.19 -9.89 -11.32
N HIS A 263 13.32 -9.44 -10.81
CA HIS A 263 13.35 -8.58 -9.63
C HIS A 263 14.64 -7.77 -9.69
N GLU A 264 14.58 -6.52 -9.26
CA GLU A 264 15.72 -5.60 -9.25
C GLU A 264 16.93 -6.18 -8.53
N GLY A 265 16.71 -6.99 -7.51
CA GLY A 265 17.75 -7.66 -6.75
C GLY A 265 18.33 -8.88 -7.43
N LEU A 266 17.83 -9.26 -8.62
CA LEU A 266 18.34 -10.42 -9.36
C LEU A 266 19.26 -9.97 -10.48
N PRO A 267 20.52 -10.41 -10.47
CA PRO A 267 21.44 -10.06 -11.58
C PRO A 267 20.83 -10.47 -12.93
N LYS A 268 20.40 -11.74 -13.05
CA LYS A 268 19.75 -12.20 -14.26
C LYS A 268 18.39 -12.81 -13.87
N PRO A 269 17.37 -12.67 -14.73
CA PRO A 269 16.05 -13.24 -14.40
C PRO A 269 16.12 -14.75 -14.17
N LEU A 270 15.37 -15.25 -13.17
CA LEU A 270 15.39 -16.67 -12.84
C LEU A 270 14.41 -17.48 -13.66
N THR A 271 14.77 -18.75 -13.88
CA THR A 271 13.93 -19.74 -14.51
C THR A 271 13.95 -20.91 -13.55
N LEU A 272 12.80 -21.32 -13.05
CA LEU A 272 12.66 -22.43 -12.12
C LEU A 272 11.69 -23.46 -12.67
N ARG A 273 11.79 -24.67 -12.16
CA ARG A 273 10.84 -25.72 -12.46
C ARG A 273 10.65 -26.52 -11.19
N TRP A 274 9.62 -27.37 -11.19
CA TRP A 274 9.40 -28.26 -10.07
C TRP A 274 10.54 -29.30 -10.07
N GLU A 275 11.14 -29.50 -8.92
CA GLU A 275 12.22 -30.46 -8.73
C GLU A 275 11.72 -31.57 -7.80
N PRO A 276 11.14 -32.63 -8.37
CA PRO A 276 10.65 -33.74 -7.54
C PRO A 276 11.81 -34.54 -6.95
N ILE B 1 -17.31 4.22 -3.76
CA ILE B 1 -18.68 3.73 -3.93
C ILE B 1 -18.73 2.51 -4.83
N GLN B 2 -18.41 1.32 -4.31
CA GLN B 2 -17.75 0.90 -3.07
C GLN B 2 -16.94 -0.35 -3.51
N ARG B 3 -15.81 -0.64 -2.85
CA ARG B 3 -14.97 -1.78 -3.23
C ARG B 3 -14.74 -2.74 -2.10
N THR B 4 -14.97 -4.02 -2.36
CA THR B 4 -14.83 -5.05 -1.35
C THR B 4 -13.38 -5.44 -1.10
N PRO B 5 -13.00 -5.71 0.15
CA PRO B 5 -11.61 -6.09 0.41
C PRO B 5 -11.20 -7.47 -0.11
N LYS B 6 -9.99 -7.52 -0.61
CA LYS B 6 -9.28 -8.75 -0.95
C LYS B 6 -8.61 -9.15 0.38
N ILE B 7 -8.51 -10.46 0.66
CA ILE B 7 -7.97 -10.92 1.93
C ILE B 7 -6.92 -12.01 1.71
N GLN B 8 -5.76 -11.89 2.36
CA GLN B 8 -4.75 -12.96 2.32
C GLN B 8 -4.32 -13.23 3.74
N VAL B 9 -4.25 -14.52 4.12
CA VAL B 9 -3.82 -14.93 5.46
C VAL B 9 -2.59 -15.83 5.25
N TYR B 10 -1.50 -15.50 5.91
CA TYR B 10 -0.23 -16.15 5.66
C TYR B 10 0.76 -15.89 6.76
N SER B 11 1.89 -16.62 6.77
CA SER B 11 2.90 -16.38 7.79
C SER B 11 4.07 -15.55 7.25
N ARG B 12 4.76 -14.81 8.13
CA ARG B 12 5.90 -14.00 7.73
C ARG B 12 7.03 -14.89 7.23
N HIS B 13 7.30 -15.97 7.96
CA HIS B 13 8.35 -16.92 7.63
C HIS B 13 7.74 -18.27 7.24
N PRO B 14 8.49 -19.15 6.55
CA PRO B 14 7.94 -20.48 6.22
C PRO B 14 7.49 -21.20 7.50
N ALA B 15 6.26 -21.75 7.51
CA ALA B 15 5.71 -22.34 8.74
C ALA B 15 6.41 -23.61 9.19
N GLU B 16 6.85 -23.61 10.46
CA GLU B 16 7.53 -24.73 11.09
C GLU B 16 6.87 -24.95 12.47
N ASN B 17 6.23 -26.12 12.67
CA ASN B 17 5.55 -26.42 13.94
C ASN B 17 6.46 -26.28 15.14
N GLY B 18 5.94 -25.65 16.19
CA GLY B 18 6.70 -25.40 17.40
C GLY B 18 7.70 -24.26 17.31
N LYS B 19 7.77 -23.57 16.16
CA LYS B 19 8.69 -22.45 15.98
C LYS B 19 7.94 -21.11 15.86
N SER B 20 8.31 -20.13 16.70
CA SER B 20 7.66 -18.81 16.70
C SER B 20 7.75 -18.12 15.34
N ASN B 21 6.68 -17.46 14.95
CA ASN B 21 6.54 -16.82 13.64
C ASN B 21 5.53 -15.63 13.79
N PHE B 22 5.01 -15.10 12.68
CA PHE B 22 4.03 -14.04 12.67
C PHE B 22 2.93 -14.42 11.72
N LEU B 23 1.69 -14.27 12.16
CA LEU B 23 0.51 -14.56 11.38
C LEU B 23 0.05 -13.21 10.86
N ASN B 24 -0.14 -13.12 9.56
CA ASN B 24 -0.54 -11.90 8.89
C ASN B 24 -1.87 -12.05 8.25
N CYS B 25 -2.63 -10.97 8.23
CA CYS B 25 -3.86 -10.87 7.49
C CYS B 25 -3.80 -9.56 6.74
N TYR B 26 -3.61 -9.65 5.43
CA TYR B 26 -3.49 -8.48 4.58
C TYR B 26 -4.81 -8.23 3.89
N VAL B 27 -5.41 -7.06 4.16
CA VAL B 27 -6.66 -6.65 3.53
C VAL B 27 -6.34 -5.51 2.59
N SER B 28 -6.82 -5.59 1.36
CA SER B 28 -6.47 -4.59 0.36
C SER B 28 -7.56 -4.41 -0.70
N GLY B 29 -7.44 -3.37 -1.53
CA GLY B 29 -8.42 -3.11 -2.58
C GLY B 29 -9.79 -2.65 -2.13
N PHE B 30 -9.92 -2.22 -0.87
CA PHE B 30 -11.21 -1.82 -0.34
C PHE B 30 -11.41 -0.32 -0.28
N HIS B 31 -12.67 0.10 -0.32
CA HIS B 31 -13.07 1.49 -0.22
C HIS B 31 -14.57 1.48 0.19
N PRO B 32 -15.00 2.19 1.25
CA PRO B 32 -14.25 3.14 2.09
C PRO B 32 -13.25 2.45 3.04
N SER B 33 -12.57 3.25 3.85
CA SER B 33 -11.47 2.78 4.68
C SER B 33 -11.88 2.04 5.95
N ASP B 34 -13.10 2.25 6.47
CA ASP B 34 -13.52 1.57 7.69
C ASP B 34 -13.56 0.06 7.46
N ILE B 35 -12.89 -0.69 8.33
CA ILE B 35 -12.84 -2.14 8.19
C ILE B 35 -12.60 -2.77 9.56
N GLU B 36 -13.16 -3.95 9.77
CA GLU B 36 -13.00 -4.67 11.01
C GLU B 36 -12.24 -5.97 10.68
N VAL B 37 -11.07 -6.15 11.28
CA VAL B 37 -10.28 -7.33 11.04
C VAL B 37 -9.94 -8.02 12.36
N ASP B 38 -10.22 -9.32 12.46
CA ASP B 38 -9.82 -10.09 13.64
C ASP B 38 -8.98 -11.27 13.17
N LEU B 39 -7.97 -11.61 13.96
CA LEU B 39 -7.20 -12.82 13.74
C LEU B 39 -7.81 -13.84 14.73
N LEU B 40 -8.08 -15.05 14.26
CA LEU B 40 -8.69 -16.11 15.06
C LEU B 40 -7.76 -17.30 15.24
N LYS B 41 -7.81 -17.90 16.44
CA LYS B 41 -7.07 -19.12 16.80
C LYS B 41 -8.13 -20.06 17.29
N ASN B 42 -8.40 -21.14 16.55
CA ASN B 42 -9.44 -22.12 16.86
C ASN B 42 -10.79 -21.45 17.05
N GLY B 43 -11.10 -20.54 16.13
CA GLY B 43 -12.35 -19.78 16.11
C GLY B 43 -12.44 -18.66 17.12
N GLU B 44 -11.45 -18.51 18.00
CA GLU B 44 -11.47 -17.47 19.03
C GLU B 44 -10.61 -16.25 18.68
N ARG B 45 -11.15 -15.06 18.91
CA ARG B 45 -10.45 -13.82 18.62
C ARG B 45 -9.13 -13.64 19.38
N ILE B 46 -8.01 -13.52 18.66
CA ILE B 46 -6.71 -13.27 19.28
C ILE B 46 -6.75 -11.83 19.77
N GLU B 47 -6.36 -11.62 21.01
CA GLU B 47 -6.47 -10.32 21.65
C GLU B 47 -5.36 -9.35 21.30
N LYS B 48 -4.10 -9.80 21.20
CA LYS B 48 -3.01 -8.87 20.93
C LYS B 48 -2.64 -8.84 19.44
N VAL B 49 -3.31 -7.95 18.70
CA VAL B 49 -3.10 -7.84 17.26
C VAL B 49 -2.74 -6.43 16.89
N GLU B 50 -1.63 -6.28 16.20
CA GLU B 50 -1.18 -4.98 15.73
C GLU B 50 -1.58 -4.77 14.27
N HIS B 51 -1.54 -3.53 13.80
CA HIS B 51 -1.83 -3.24 12.41
C HIS B 51 -1.02 -2.07 11.91
N SER B 52 -0.82 -2.06 10.58
CA SER B 52 -0.09 -1.00 9.91
C SER B 52 -0.95 0.28 9.84
N ASP B 53 -0.32 1.42 9.53
CA ASP B 53 -1.01 2.68 9.37
C ASP B 53 -1.77 2.67 8.06
N LEU B 54 -2.98 3.26 8.04
CA LEU B 54 -3.80 3.33 6.85
C LEU B 54 -3.08 3.98 5.67
N SER B 55 -2.97 3.23 4.58
CA SER B 55 -2.38 3.75 3.35
C SER B 55 -3.22 3.27 2.18
N PHE B 56 -2.90 3.69 0.96
CA PHE B 56 -3.67 3.31 -0.19
C PHE B 56 -2.81 3.17 -1.45
N SER B 57 -3.37 2.46 -2.43
CA SER B 57 -2.75 2.16 -3.71
C SER B 57 -3.03 3.23 -4.78
N LYS B 58 -2.39 3.12 -5.97
CA LYS B 58 -2.57 4.06 -7.10
C LYS B 58 -4.06 4.19 -7.47
N ASP B 59 -4.84 3.09 -7.31
CA ASP B 59 -6.25 3.17 -7.63
C ASP B 59 -7.13 3.74 -6.51
N TRP B 60 -6.49 4.30 -5.45
CA TRP B 60 -7.15 4.90 -4.30
C TRP B 60 -7.67 3.89 -3.29
N SER B 61 -7.57 2.59 -3.57
CA SER B 61 -8.08 1.59 -2.63
C SER B 61 -7.14 1.44 -1.47
N PHE B 62 -7.69 1.23 -0.29
CA PHE B 62 -6.91 1.14 0.94
C PHE B 62 -6.32 -0.27 1.15
N TYR B 63 -5.28 -0.34 1.99
CA TYR B 63 -4.71 -1.62 2.42
C TYR B 63 -4.19 -1.52 3.85
N LEU B 64 -4.29 -2.63 4.61
CA LEU B 64 -3.82 -2.72 5.98
C LEU B 64 -3.27 -4.12 6.20
N LEU B 65 -2.25 -4.22 7.03
CA LEU B 65 -1.72 -5.50 7.46
C LEU B 65 -1.99 -5.63 8.94
N TYR B 66 -2.67 -6.70 9.34
CA TYR B 66 -2.93 -7.05 10.74
C TYR B 66 -2.01 -8.22 11.02
N TYR B 67 -1.35 -8.21 12.18
CA TYR B 67 -0.37 -9.24 12.48
C TYR B 67 -0.24 -9.49 13.97
N THR B 68 0.21 -10.69 14.31
CA THR B 68 0.46 -11.10 15.68
C THR B 68 1.50 -12.24 15.70
N GLU B 69 2.27 -12.33 16.79
CA GLU B 69 3.19 -13.44 16.98
C GLU B 69 2.37 -14.71 17.21
N PHE B 70 2.73 -15.82 16.55
CA PHE B 70 2.08 -17.11 16.75
C PHE B 70 3.08 -18.24 16.58
N THR B 71 2.84 -19.36 17.25
CA THR B 71 3.68 -20.54 17.09
C THR B 71 2.80 -21.58 16.43
N PRO B 72 2.98 -21.81 15.12
CA PRO B 72 2.13 -22.81 14.44
C PRO B 72 2.35 -24.21 15.03
N THR B 73 1.31 -25.05 14.94
CA THR B 73 1.32 -26.45 15.35
C THR B 73 0.50 -27.23 14.30
N GLU B 74 0.48 -28.58 14.37
CA GLU B 74 -0.28 -29.38 13.42
C GLU B 74 -1.79 -29.25 13.64
N LYS B 75 -2.24 -29.04 14.88
CA LYS B 75 -3.66 -29.02 15.20
C LYS B 75 -4.31 -27.63 15.35
N ASP B 76 -3.55 -26.59 15.71
CA ASP B 76 -4.15 -25.26 15.84
C ASP B 76 -4.57 -24.70 14.48
N GLU B 77 -5.81 -24.21 14.41
CA GLU B 77 -6.39 -23.65 13.19
C GLU B 77 -6.37 -22.14 13.33
N TYR B 78 -5.89 -21.44 12.30
CA TYR B 78 -5.83 -19.99 12.31
C TYR B 78 -6.63 -19.44 11.17
N ALA B 79 -7.17 -18.25 11.38
CA ALA B 79 -8.04 -17.64 10.39
C ALA B 79 -8.04 -16.10 10.55
N CYS B 80 -8.58 -15.40 9.56
CA CYS B 80 -8.77 -13.98 9.64
C CYS B 80 -10.24 -13.68 9.34
N ARG B 81 -10.90 -12.89 10.18
CA ARG B 81 -12.32 -12.54 9.99
C ARG B 81 -12.45 -11.05 9.66
N VAL B 82 -13.07 -10.74 8.54
CA VAL B 82 -13.14 -9.39 8.03
C VAL B 82 -14.55 -8.94 7.82
N ASN B 83 -14.88 -7.74 8.30
CA ASN B 83 -16.15 -7.14 7.97
C ASN B 83 -15.90 -5.76 7.33
N HIS B 84 -16.75 -5.40 6.38
CA HIS B 84 -16.69 -4.14 5.66
C HIS B 84 -18.13 -3.79 5.23
N VAL B 85 -18.40 -2.52 4.88
CA VAL B 85 -19.73 -2.13 4.46
C VAL B 85 -20.22 -2.93 3.24
N THR B 86 -19.29 -3.33 2.34
CA THR B 86 -19.63 -4.13 1.16
C THR B 86 -19.99 -5.59 1.47
N LEU B 87 -19.82 -6.04 2.71
CA LEU B 87 -20.07 -7.43 3.07
C LEU B 87 -21.29 -7.52 3.98
N SER B 88 -22.24 -8.40 3.66
CA SER B 88 -23.44 -8.57 4.51
C SER B 88 -23.12 -9.35 5.77
N GLN B 89 -22.15 -10.26 5.71
CA GLN B 89 -21.70 -11.04 6.87
C GLN B 89 -20.16 -11.03 6.87
N PRO B 90 -19.52 -11.18 8.04
CA PRO B 90 -18.05 -11.23 8.06
C PRO B 90 -17.50 -12.40 7.23
N LYS B 91 -16.40 -12.15 6.52
CA LYS B 91 -15.77 -13.15 5.68
C LYS B 91 -14.61 -13.78 6.45
N ILE B 92 -14.60 -15.11 6.54
CA ILE B 92 -13.54 -15.81 7.25
C ILE B 92 -12.66 -16.49 6.22
N VAL B 93 -11.36 -16.26 6.35
CA VAL B 93 -10.38 -16.83 5.45
C VAL B 93 -9.41 -17.60 6.33
N LYS B 94 -9.34 -18.92 6.14
CA LYS B 94 -8.47 -19.76 6.95
C LYS B 94 -7.02 -19.68 6.48
N TRP B 95 -6.10 -19.79 7.42
CA TRP B 95 -4.70 -19.84 7.13
C TRP B 95 -4.37 -21.23 6.61
N ASP B 96 -3.82 -21.29 5.42
CA ASP B 96 -3.38 -22.54 4.83
C ASP B 96 -1.89 -22.30 4.56
N ARG B 97 -0.99 -23.04 5.22
CA ARG B 97 0.45 -22.85 5.09
C ARG B 97 0.99 -23.04 3.65
N ASP B 98 0.18 -23.62 2.75
CA ASP B 98 0.57 -23.80 1.35
C ASP B 98 0.18 -22.64 0.44
N MET B 99 -0.38 -21.56 1.01
CA MET B 99 -0.79 -20.38 0.25
C MET B 99 -0.39 -19.08 0.98
N ASN C 1 10.11 15.31 3.47
CA ASN C 1 9.42 16.41 4.15
C ASN C 1 8.19 16.82 3.33
N PRO C 2 7.04 17.03 3.98
CA PRO C 2 5.82 17.35 3.22
C PRO C 2 5.80 18.77 2.67
N ASP C 3 4.89 19.03 1.70
CA ASP C 3 4.77 20.35 1.14
C ASP C 3 3.98 21.28 2.08
N ILE C 4 4.11 22.60 1.88
CA ILE C 4 3.39 23.62 2.65
C ILE C 4 2.63 24.49 1.64
N VAL C 5 1.87 23.84 0.75
CA VAL C 5 1.13 24.56 -0.28
C VAL C 5 -0.35 24.71 0.15
N TYR C 7 -4.03 23.73 0.61
CA TYR C 7 -5.11 24.54 0.07
C TYR C 7 -6.45 23.85 0.11
N GLN C 8 -7.50 24.61 0.47
CA GLN C 8 -8.86 24.09 0.49
C GLN C 8 -9.41 24.01 -0.94
N TYR C 9 -10.32 23.06 -1.19
CA TYR C 9 -10.91 22.89 -2.51
C TYR C 9 -12.02 23.85 -2.78
C1 GOL D . -20.76 6.27 -2.01
O1 GOL D . -20.39 5.32 -1.02
C2 GOL D . -19.91 7.51 -1.92
O2 GOL D . -19.97 8.22 -3.17
C3 GOL D . -20.46 8.39 -0.83
O3 GOL D . -20.26 7.80 0.44
#